data_4UU7
#
_entry.id   4UU7
#
_cell.length_a   87.510
_cell.length_b   87.510
_cell.length_c   314.380
_cell.angle_alpha   90.00
_cell.angle_beta   90.00
_cell.angle_gamma   120.00
#
_symmetry.space_group_name_H-M   'P 65 2 2'
#
loop_
_entity.id
_entity.type
_entity.pdbx_description
1 polymer 'NAD-DEPENDENT PROTEIN DEACYLASE SIRTUIN-5, MITOCHONDRIAL'
2 polymer 'CARBAMOYLPHOSPHATE SYNTHETASE I'
3 non-polymer 'ZINC ION'
4 non-polymer 1,2-ETHANEDIOL
5 non-polymer 'DIMETHYL SULFOXIDE'
6 non-polymer '4-(2-HYDROXYETHYL)-1-PIPERAZINE ETHANESULFONIC ACID'
7 non-polymer 'SODIUM ION'
8 non-polymer '(2R)-2-methylbutanedioic acid'
9 non-polymer '(2S)-2-methylbutanedioic acid'
10 water water
#
loop_
_entity_poly.entity_id
_entity_poly.type
_entity_poly.pdbx_seq_one_letter_code
_entity_poly.pdbx_strand_id
1 'polypeptide(L)'
;GIDPFTTRPSSDLTAFREHFAKAKHIAIITGAGVSAESGVPTFRGPGGFWRKWQAQDLATPEAFSRDPSLVWEFYHYRRE
VMRSKMPNPAHLAIAECEARLGQQGRSVVIITQNIDELHHRAGSKHVYEIHGSLFKTRCMSCGEVKANHKSPICPALDGK
GAPDPNTKEARIPVELLPRCERKSCNGLLRPHVVWFGETLDSDILTAVERELEKCDLCLVVGTSSIVYPAAMFAPQVASR
GVPVAEFNMECTPATQRFKYHFEGPCGSTLPPALE
;
A,B
2 'polypeptide(L)' (BEZ)GVLKEYGV D
#
# COMPACT_ATOMS: atom_id res chain seq x y z
N ASP A 12 10.81 0.49 25.25
CA ASP A 12 10.36 1.90 25.05
C ASP A 12 10.62 2.48 23.65
N LEU A 13 9.57 3.05 23.07
CA LEU A 13 9.60 3.63 21.73
C LEU A 13 10.64 4.75 21.58
N THR A 14 10.63 5.70 22.50
CA THR A 14 11.56 6.81 22.41
C THR A 14 12.94 6.25 22.12
N ALA A 15 13.30 5.23 22.89
CA ALA A 15 14.66 4.72 22.85
C ALA A 15 14.93 4.12 21.49
N PHE A 16 13.99 3.32 21.03
CA PHE A 16 14.07 2.81 19.70
C PHE A 16 14.32 3.96 18.71
N ARG A 17 13.47 4.97 18.74
CA ARG A 17 13.59 6.03 17.78
C ARG A 17 14.99 6.65 17.79
N GLU A 18 15.62 6.76 18.97
CA GLU A 18 16.96 7.29 19.04
C GLU A 18 17.94 6.43 18.23
N HIS A 19 17.82 5.11 18.32
CA HIS A 19 18.66 4.27 17.49
C HIS A 19 18.36 4.45 16.03
N PHE A 20 17.07 4.60 15.76
CA PHE A 20 16.58 4.75 14.43
C PHE A 20 17.30 5.87 13.73
N ALA A 21 17.31 7.02 14.37
CA ALA A 21 17.86 8.23 13.77
C ALA A 21 19.32 8.06 13.48
N LYS A 22 20.01 7.34 14.36
CA LYS A 22 21.42 7.12 14.21
C LYS A 22 21.72 6.16 13.07
N ALA A 23 20.87 5.17 12.88
CA ALA A 23 21.18 4.06 11.98
C ALA A 23 21.49 4.42 10.55
N LYS A 24 22.53 3.80 10.00
CA LYS A 24 22.89 3.97 8.62
C LYS A 24 22.60 2.75 7.76
N HIS A 25 22.45 1.60 8.37
CA HIS A 25 22.22 0.39 7.61
C HIS A 25 21.22 -0.50 8.32
N ILE A 26 19.96 -0.28 7.98
CA ILE A 26 18.88 -1.02 8.58
C ILE A 26 18.53 -2.25 7.76
N ALA A 27 18.30 -3.36 8.44
CA ALA A 27 17.85 -4.58 7.79
C ALA A 27 16.60 -5.01 8.47
N ILE A 28 15.63 -5.39 7.66
CA ILE A 28 14.32 -5.63 8.14
C ILE A 28 13.91 -7.00 7.70
N ILE A 29 13.63 -7.89 8.63
CA ILE A 29 13.21 -9.24 8.30
C ILE A 29 11.75 -9.35 8.53
N THR A 30 11.04 -9.95 7.59
CA THR A 30 9.61 -9.95 7.65
C THR A 30 9.04 -11.32 7.53
N GLY A 31 8.12 -11.65 8.44
CA GLY A 31 7.50 -12.97 8.46
C GLY A 31 6.09 -13.01 7.96
N ALA A 32 5.40 -14.09 8.26
CA ALA A 32 4.03 -14.23 7.76
C ALA A 32 3.04 -13.25 8.39
N GLY A 33 3.36 -12.70 9.54
CA GLY A 33 2.44 -11.79 10.21
C GLY A 33 2.01 -10.63 9.32
N VAL A 34 2.94 -10.19 8.49
CA VAL A 34 2.71 -8.97 7.75
C VAL A 34 1.86 -9.29 6.50
N SER A 35 2.07 -10.45 5.90
CA SER A 35 1.17 -10.87 4.85
C SER A 35 -0.24 -11.21 5.38
N ALA A 36 -0.28 -11.70 6.62
CA ALA A 36 -1.56 -12.03 7.24
C ALA A 36 -2.43 -10.81 7.33
N GLU A 37 -1.86 -9.71 7.76
CA GLU A 37 -2.64 -8.51 7.91
C GLU A 37 -3.18 -7.92 6.61
N SER A 38 -2.75 -8.42 5.48
CA SER A 38 -3.34 -7.97 4.23
C SER A 38 -4.39 -8.97 3.81
N GLY A 39 -4.69 -9.92 4.69
CA GLY A 39 -5.65 -10.95 4.40
C GLY A 39 -5.19 -12.15 3.57
N VAL A 40 -3.87 -12.31 3.39
CA VAL A 40 -3.33 -13.41 2.59
C VAL A 40 -3.34 -14.66 3.41
N PRO A 41 -4.01 -15.69 2.91
CA PRO A 41 -3.96 -16.98 3.59
C PRO A 41 -2.58 -17.69 3.49
N THR A 42 -2.20 -18.42 4.54
CA THR A 42 -1.01 -19.29 4.47
C THR A 42 -1.32 -20.76 4.55
N PHE A 43 -2.58 -21.14 4.70
CA PHE A 43 -2.90 -22.55 4.67
C PHE A 43 -2.10 -23.41 5.64
N ARG A 44 -2.12 -23.02 6.91
CA ARG A 44 -1.32 -23.65 7.97
C ARG A 44 -1.92 -23.44 9.38
N GLY A 45 -1.89 -24.47 10.22
CA GLY A 45 -2.56 -24.34 11.49
C GLY A 45 -4.05 -24.40 11.23
N PRO A 46 -4.84 -24.24 12.30
CA PRO A 46 -6.25 -24.60 12.23
C PRO A 46 -6.99 -23.83 11.13
N GLY A 47 -7.75 -24.60 10.36
CA GLY A 47 -8.65 -24.03 9.36
C GLY A 47 -7.93 -23.34 8.24
N GLY A 48 -6.61 -23.48 8.16
CA GLY A 48 -5.88 -23.06 6.98
C GLY A 48 -5.94 -24.19 5.97
N PHE A 49 -7.10 -24.38 5.35
CA PHE A 49 -7.25 -25.46 4.38
C PHE A 49 -7.53 -24.96 2.97
N TRP A 50 -7.16 -25.77 1.99
CA TRP A 50 -7.55 -25.59 0.60
C TRP A 50 -8.00 -26.96 0.12
N ARG A 51 -9.29 -27.09 -0.16
CA ARG A 51 -9.89 -28.39 -0.38
C ARG A 51 -9.42 -29.26 0.79
N LYS A 52 -9.03 -30.50 0.54
CA LYS A 52 -8.60 -31.40 1.65
C LYS A 52 -7.33 -30.91 2.34
N TRP A 53 -6.49 -30.20 1.61
CA TRP A 53 -5.11 -30.13 2.02
C TRP A 53 -4.68 -28.90 2.77
N GLN A 54 -3.61 -29.06 3.55
CA GLN A 54 -2.87 -27.93 4.09
C GLN A 54 -1.62 -27.77 3.24
N ALA A 55 -0.82 -26.74 3.48
CA ALA A 55 0.33 -26.47 2.61
C ALA A 55 1.41 -27.55 2.70
N GLN A 56 1.65 -28.06 3.91
CA GLN A 56 2.60 -29.15 4.12
C GLN A 56 2.33 -30.27 3.16
N ASP A 57 1.05 -30.53 2.89
CA ASP A 57 0.69 -31.59 1.95
C ASP A 57 1.08 -31.28 0.53
N LEU A 58 0.94 -30.02 0.10
CA LEU A 58 1.06 -29.74 -1.33
C LEU A 58 2.34 -29.08 -1.74
N ALA A 59 2.93 -28.30 -0.84
CA ALA A 59 4.13 -27.57 -1.18
C ALA A 59 5.42 -28.43 -1.13
N THR A 60 5.46 -29.55 -1.85
CA THR A 60 6.59 -30.47 -1.82
C THR A 60 6.92 -30.96 -3.21
N PRO A 61 8.20 -31.23 -3.46
CA PRO A 61 8.58 -31.76 -4.77
C PRO A 61 7.82 -33.02 -5.13
N GLU A 62 7.45 -33.80 -4.10
CA GLU A 62 6.79 -35.08 -4.25
C GLU A 62 5.36 -34.89 -4.75
N ALA A 63 4.63 -33.99 -4.10
CA ALA A 63 3.30 -33.65 -4.58
C ALA A 63 3.30 -33.25 -6.06
N PHE A 64 4.29 -32.45 -6.43
CA PHE A 64 4.39 -31.93 -7.77
C PHE A 64 4.72 -33.02 -8.76
N SER A 65 5.72 -33.80 -8.43
CA SER A 65 6.02 -34.98 -9.20
C SER A 65 4.78 -35.88 -9.32
N ARG A 66 4.02 -35.98 -8.24
CA ARG A 66 2.91 -36.90 -8.18
C ARG A 66 1.72 -36.32 -8.88
N ASP A 67 1.23 -35.19 -8.44
CA ASP A 67 0.03 -34.64 -9.07
C ASP A 67 0.21 -33.17 -9.42
N PRO A 68 0.93 -32.86 -10.50
CA PRO A 68 1.23 -31.46 -10.81
C PRO A 68 0.03 -30.59 -11.12
N SER A 69 -0.99 -31.16 -11.75
CA SER A 69 -2.19 -30.39 -12.01
C SER A 69 -2.74 -29.84 -10.70
N LEU A 70 -2.96 -30.73 -9.76
CA LEU A 70 -3.49 -30.35 -8.48
C LEU A 70 -2.68 -29.26 -7.78
N VAL A 71 -1.36 -29.39 -7.83
CA VAL A 71 -0.51 -28.39 -7.19
C VAL A 71 -0.66 -27.03 -7.89
N TRP A 72 -0.53 -27.03 -9.20
CA TRP A 72 -0.74 -25.83 -9.94
C TRP A 72 -2.12 -25.27 -9.73
N GLU A 73 -3.14 -26.11 -9.56
CA GLU A 73 -4.43 -25.54 -9.26
C GLU A 73 -4.28 -24.67 -8.02
N PHE A 74 -3.71 -25.29 -6.99
CA PHE A 74 -3.47 -24.64 -5.69
C PHE A 74 -2.76 -23.35 -5.83
N TYR A 75 -1.74 -23.36 -6.64
CA TYR A 75 -0.97 -22.15 -6.81
C TYR A 75 -1.73 -21.12 -7.65
N HIS A 76 -2.41 -21.53 -8.72
CA HIS A 76 -3.32 -20.61 -9.46
C HIS A 76 -4.22 -19.85 -8.47
N TYR A 77 -4.91 -20.58 -7.63
CA TYR A 77 -5.72 -19.92 -6.66
C TYR A 77 -4.96 -18.84 -5.95
N ARG A 78 -3.79 -19.18 -5.49
CA ARG A 78 -3.05 -18.25 -4.64
C ARG A 78 -2.66 -16.99 -5.38
N ARG A 79 -2.16 -17.19 -6.59
CA ARG A 79 -1.92 -16.10 -7.52
C ARG A 79 -3.12 -15.21 -7.68
N GLU A 80 -4.30 -15.81 -7.83
CA GLU A 80 -5.52 -15.03 -8.07
C GLU A 80 -6.04 -14.27 -6.86
N VAL A 81 -6.04 -14.90 -5.68
CA VAL A 81 -6.55 -14.20 -4.53
C VAL A 81 -5.70 -13.01 -4.22
N MET A 82 -4.52 -12.92 -4.83
CA MET A 82 -3.64 -11.75 -4.63
C MET A 82 -4.13 -10.45 -5.26
N ARG A 83 -5.00 -10.61 -6.25
CA ARG A 83 -5.53 -9.48 -6.99
C ARG A 83 -6.37 -8.64 -6.10
N SER A 84 -6.92 -9.20 -5.01
CA SER A 84 -7.76 -8.43 -4.10
C SER A 84 -7.11 -8.15 -2.74
N LYS A 85 -5.95 -8.72 -2.48
CA LYS A 85 -5.24 -8.39 -1.27
C LYS A 85 -4.25 -7.29 -1.54
N MET A 86 -4.28 -6.24 -0.74
CA MET A 86 -3.36 -5.18 -0.97
C MET A 86 -2.35 -5.07 0.17
N PRO A 87 -1.23 -4.41 -0.10
CA PRO A 87 -0.29 -4.05 0.93
C PRO A 87 -0.97 -3.31 2.08
N ASN A 88 -0.72 -3.76 3.30
CA ASN A 88 -1.11 -3.01 4.47
C ASN A 88 -0.12 -1.89 4.77
N PRO A 89 -0.47 -1.02 5.75
CA PRO A 89 0.34 0.10 6.18
C PRO A 89 1.74 -0.24 6.56
N ALA A 90 1.95 -1.42 7.12
CA ALA A 90 3.30 -1.85 7.47
C ALA A 90 4.15 -2.00 6.20
N HIS A 91 3.58 -2.54 5.12
CA HIS A 91 4.34 -2.73 3.91
C HIS A 91 4.80 -1.41 3.42
N LEU A 92 3.93 -0.44 3.55
CA LEU A 92 4.15 0.85 2.99
C LEU A 92 5.12 1.62 3.77
N ALA A 93 4.93 1.60 5.07
CA ALA A 93 5.78 2.39 5.96
C ALA A 93 7.23 1.96 5.73
N ILE A 94 7.44 0.66 5.58
CA ILE A 94 8.74 0.15 5.16
C ILE A 94 9.16 0.76 3.85
N ALA A 95 8.39 0.56 2.79
CA ALA A 95 8.83 1.05 1.46
C ALA A 95 9.21 2.54 1.44
N GLU A 96 8.46 3.32 2.17
CA GLU A 96 8.64 4.74 2.09
C GLU A 96 9.85 5.04 2.91
N CYS A 97 10.06 4.25 3.96
CA CYS A 97 11.26 4.39 4.77
C CYS A 97 12.48 4.24 3.90
N GLU A 98 12.54 3.12 3.21
CA GLU A 98 13.61 2.82 2.32
C GLU A 98 13.84 3.99 1.42
N ALA A 99 12.77 4.51 0.85
CA ALA A 99 12.88 5.62 -0.07
C ALA A 99 13.49 6.81 0.67
N ARG A 100 12.83 7.24 1.76
CA ARG A 100 13.28 8.39 2.52
C ARG A 100 14.77 8.29 2.87
N LEU A 101 15.15 7.19 3.49
CA LEU A 101 16.53 7.04 3.94
C LEU A 101 17.53 6.92 2.82
N GLY A 102 17.15 6.28 1.72
CA GLY A 102 18.05 6.12 0.56
C GLY A 102 18.55 7.44 0.03
N GLN A 103 17.64 8.39 -0.02
CA GLN A 103 17.93 9.76 -0.31
C GLN A 103 18.94 10.40 0.60
N GLN A 104 18.97 9.98 1.86
CA GLN A 104 19.94 10.48 2.82
C GLN A 104 21.21 9.65 2.77
N GLY A 105 21.37 8.79 1.77
CA GLY A 105 22.47 7.82 1.75
C GLY A 105 22.49 6.77 2.88
N ARG A 106 21.34 6.47 3.46
CA ARG A 106 21.26 5.40 4.43
C ARG A 106 20.53 4.24 3.78
N SER A 107 21.00 3.03 3.98
CA SER A 107 20.41 1.93 3.29
C SER A 107 19.31 1.30 4.13
N VAL A 108 18.38 0.62 3.43
CA VAL A 108 17.36 -0.24 4.04
C VAL A 108 17.14 -1.46 3.15
N VAL A 109 17.25 -2.65 3.74
CA VAL A 109 17.04 -3.90 3.01
C VAL A 109 16.01 -4.75 3.67
N ILE A 110 15.35 -5.54 2.84
CA ILE A 110 14.29 -6.36 3.26
C ILE A 110 14.59 -7.78 2.90
N ILE A 111 14.45 -8.61 3.92
CA ILE A 111 14.64 -10.01 3.83
C ILE A 111 13.33 -10.62 4.27
N THR A 112 12.63 -11.25 3.32
CA THR A 112 11.30 -11.70 3.61
C THR A 112 11.13 -13.16 3.27
N GLN A 113 10.38 -13.85 4.11
CA GLN A 113 9.99 -15.20 3.83
C GLN A 113 8.68 -15.27 3.08
N ASN A 114 8.08 -14.13 2.76
CA ASN A 114 6.82 -14.13 2.12
C ASN A 114 7.01 -14.14 0.63
N ILE A 115 6.01 -14.70 -0.05
CA ILE A 115 6.13 -14.94 -1.47
C ILE A 115 5.04 -14.30 -2.30
N ASP A 116 4.33 -13.38 -1.68
CA ASP A 116 3.16 -12.72 -2.27
C ASP A 116 3.54 -11.43 -3.01
N GLU A 117 4.81 -11.08 -3.01
CA GLU A 117 5.26 -9.84 -3.60
C GLU A 117 4.61 -8.59 -3.02
N LEU A 118 4.05 -8.63 -1.82
CA LEU A 118 3.45 -7.40 -1.28
C LEU A 118 4.43 -6.29 -1.07
N HIS A 119 5.62 -6.57 -0.57
CA HIS A 119 6.62 -5.50 -0.40
C HIS A 119 6.98 -4.78 -1.69
N HIS A 120 6.92 -5.51 -2.82
CA HIS A 120 7.30 -4.95 -4.14
C HIS A 120 6.23 -4.02 -4.60
N ARG A 121 4.99 -4.50 -4.48
CA ARG A 121 3.81 -3.69 -4.72
C ARG A 121 3.68 -2.46 -3.81
N ALA A 122 4.28 -2.48 -2.63
CA ALA A 122 4.31 -1.32 -1.74
C ALA A 122 5.35 -0.29 -2.15
N GLY A 123 6.26 -0.71 -3.05
CA GLY A 123 7.32 0.15 -3.51
C GLY A 123 8.68 -0.13 -2.89
N SER A 124 8.81 -1.22 -2.16
CA SER A 124 10.14 -1.61 -1.72
C SER A 124 10.96 -2.04 -2.94
N LYS A 125 12.29 -1.76 -2.86
CA LYS A 125 13.28 -2.04 -3.91
C LYS A 125 14.31 -3.04 -3.46
N HIS A 126 15.01 -2.80 -2.38
CA HIS A 126 16.07 -3.72 -1.98
CA HIS A 126 16.05 -3.72 -1.96
C HIS A 126 15.47 -4.78 -1.10
N VAL A 127 14.96 -5.79 -1.76
CA VAL A 127 14.26 -6.90 -1.13
C VAL A 127 14.90 -8.22 -1.48
N TYR A 128 14.96 -9.15 -0.52
CA TYR A 128 15.45 -10.50 -0.84
C TYR A 128 14.35 -11.48 -0.49
N GLU A 129 13.83 -12.20 -1.48
CA GLU A 129 12.71 -13.13 -1.26
C GLU A 129 13.31 -14.50 -1.17
N ILE A 130 13.43 -14.98 0.05
CA ILE A 130 14.22 -16.17 0.29
C ILE A 130 13.42 -17.43 0.20
N HIS A 131 12.11 -17.30 0.01
CA HIS A 131 11.35 -18.47 -0.32
C HIS A 131 10.82 -18.32 -1.72
N GLY A 132 11.36 -17.39 -2.48
CA GLY A 132 10.89 -17.23 -3.85
C GLY A 132 9.65 -16.37 -3.93
N SER A 133 8.83 -16.62 -4.95
CA SER A 133 7.66 -15.79 -5.29
C SER A 133 6.63 -16.49 -6.18
N LEU A 134 5.38 -16.42 -5.76
CA LEU A 134 4.30 -16.96 -6.57
C LEU A 134 4.32 -16.38 -7.96
N PHE A 135 4.86 -15.20 -8.17
CA PHE A 135 4.82 -14.63 -9.51
C PHE A 135 6.17 -14.73 -10.18
N LYS A 136 6.78 -15.90 -9.99
CA LYS A 136 7.91 -16.35 -10.77
C LYS A 136 7.79 -17.83 -11.04
N THR A 137 8.24 -18.23 -12.23
CA THR A 137 8.28 -19.61 -12.62
C THR A 137 9.73 -20.10 -12.73
N ARG A 138 9.90 -21.39 -12.56
CA ARG A 138 11.15 -22.01 -12.91
C ARG A 138 10.90 -23.20 -13.84
N CYS A 139 11.65 -23.28 -14.93
CA CYS A 139 11.49 -24.37 -15.89
C CYS A 139 12.17 -25.61 -15.33
N MET A 140 11.42 -26.70 -15.28
CA MET A 140 11.95 -27.94 -14.77
C MET A 140 13.03 -28.45 -15.70
N SER A 141 12.92 -28.16 -16.97
CA SER A 141 13.91 -28.65 -17.90
C SER A 141 15.15 -27.78 -17.84
N CYS A 142 15.06 -26.53 -18.25
CA CYS A 142 16.27 -25.71 -18.36
C CYS A 142 16.59 -24.91 -17.12
N GLY A 143 15.68 -24.77 -16.18
CA GLY A 143 15.97 -24.01 -14.96
C GLY A 143 15.84 -22.50 -15.04
N GLU A 144 15.37 -21.98 -16.17
CA GLU A 144 15.14 -20.52 -16.33
C GLU A 144 14.02 -19.99 -15.40
N VAL A 145 14.31 -18.85 -14.77
CA VAL A 145 13.43 -18.24 -13.78
C VAL A 145 12.85 -17.03 -14.45
N LYS A 146 11.54 -16.97 -14.56
CA LYS A 146 10.96 -15.85 -15.25
C LYS A 146 9.84 -15.24 -14.47
N ALA A 147 9.69 -13.92 -14.59
CA ALA A 147 8.57 -13.22 -13.96
C ALA A 147 7.31 -13.65 -14.64
N ASN A 148 6.24 -13.73 -13.88
CA ASN A 148 4.98 -14.00 -14.48
C ASN A 148 3.78 -13.57 -13.61
N HIS A 149 3.00 -12.62 -14.13
CA HIS A 149 1.78 -12.20 -13.43
C HIS A 149 0.50 -12.45 -14.24
N LYS A 150 0.63 -13.12 -15.38
CA LYS A 150 -0.51 -13.40 -16.26
C LYS A 150 -1.62 -14.04 -15.50
N SER A 151 -2.83 -13.65 -15.84
CA SER A 151 -4.00 -14.24 -15.23
C SER A 151 -4.96 -14.54 -16.32
N PRO A 152 -5.31 -15.79 -16.50
CA PRO A 152 -4.66 -16.90 -15.84
C PRO A 152 -3.30 -17.25 -16.47
N ILE A 153 -2.38 -17.72 -15.64
CA ILE A 153 -1.05 -18.13 -16.09
C ILE A 153 -1.00 -18.99 -17.35
N CYS A 154 -2.04 -19.81 -17.54
CA CYS A 154 -2.27 -20.52 -18.77
C CYS A 154 -3.78 -20.78 -18.93
N PRO A 155 -4.26 -20.86 -20.18
CA PRO A 155 -5.69 -21.05 -20.47
C PRO A 155 -6.26 -22.23 -19.73
N ALA A 156 -5.60 -23.37 -19.85
CA ALA A 156 -6.12 -24.59 -19.25
C ALA A 156 -6.56 -24.40 -17.82
N LEU A 157 -5.93 -23.42 -17.17
CA LEU A 157 -6.17 -23.19 -15.77
C LEU A 157 -7.25 -22.16 -15.51
N ASP A 158 -7.87 -21.64 -16.56
CA ASP A 158 -8.82 -20.55 -16.38
C ASP A 158 -9.90 -20.95 -15.38
N GLY A 159 -10.18 -20.05 -14.44
CA GLY A 159 -11.18 -20.27 -13.42
C GLY A 159 -11.08 -21.62 -12.76
N LYS A 160 -9.87 -22.10 -12.49
CA LYS A 160 -9.73 -23.35 -11.76
C LYS A 160 -9.33 -23.02 -10.33
N GLY A 161 -8.91 -24.04 -9.60
CA GLY A 161 -8.34 -23.89 -8.27
C GLY A 161 -9.32 -23.43 -7.22
N ALA A 162 -10.59 -23.78 -7.39
CA ALA A 162 -11.57 -23.40 -6.40
C ALA A 162 -11.19 -24.03 -5.06
N PRO A 163 -11.35 -23.28 -3.98
CA PRO A 163 -11.02 -23.71 -2.62
C PRO A 163 -11.97 -24.66 -1.88
N ASP A 164 -13.27 -24.64 -2.21
CA ASP A 164 -14.22 -25.48 -1.49
C ASP A 164 -13.80 -26.97 -1.61
N PRO A 165 -13.69 -27.70 -0.48
CA PRO A 165 -13.33 -29.12 -0.43
C PRO A 165 -13.87 -29.97 -1.58
N ASN A 166 -15.14 -29.79 -1.95
CA ASN A 166 -15.79 -30.67 -2.92
C ASN A 166 -15.61 -30.29 -4.35
N THR A 167 -14.67 -29.41 -4.64
CA THR A 167 -14.43 -29.02 -6.03
C THR A 167 -13.93 -30.23 -6.81
N LYS A 168 -14.27 -30.33 -8.09
CA LYS A 168 -13.68 -31.38 -8.90
C LYS A 168 -12.30 -31.01 -9.27
N GLU A 169 -11.40 -31.98 -9.18
CA GLU A 169 -10.05 -31.82 -9.66
C GLU A 169 -10.17 -31.45 -11.13
N ALA A 170 -9.35 -30.53 -11.61
CA ALA A 170 -9.32 -30.22 -13.03
C ALA A 170 -8.53 -31.26 -13.82
N ARG A 171 -7.69 -32.03 -13.11
CA ARG A 171 -6.93 -33.15 -13.66
C ARG A 171 -6.48 -32.78 -15.09
N ILE A 172 -5.66 -31.74 -15.15
CA ILE A 172 -5.16 -31.18 -16.40
C ILE A 172 -3.97 -31.98 -16.90
N PRO A 173 -3.93 -32.29 -18.21
CA PRO A 173 -2.79 -33.00 -18.77
C PRO A 173 -1.57 -32.13 -18.68
N VAL A 174 -0.44 -32.74 -18.34
CA VAL A 174 0.81 -32.01 -18.10
C VAL A 174 1.18 -31.07 -19.24
N GLU A 175 0.87 -31.42 -20.47
CA GLU A 175 1.38 -30.65 -21.58
C GLU A 175 0.64 -29.34 -21.69
N LEU A 176 -0.44 -29.17 -20.92
CA LEU A 176 -1.24 -27.94 -20.93
C LEU A 176 -1.01 -26.98 -19.77
N LEU A 177 -0.48 -27.55 -18.70
CA LEU A 177 0.03 -26.75 -17.60
C LEU A 177 1.12 -25.84 -18.14
N PRO A 178 1.51 -24.85 -17.37
CA PRO A 178 2.39 -23.84 -17.92
C PRO A 178 3.71 -24.41 -18.37
N ARG A 179 4.10 -24.02 -19.59
CA ARG A 179 5.29 -24.53 -20.23
C ARG A 179 6.21 -23.41 -20.62
N CYS A 180 7.49 -23.75 -20.64
CA CYS A 180 8.59 -22.85 -20.92
C CYS A 180 8.59 -22.32 -22.33
N GLU A 181 8.63 -20.99 -22.47
CA GLU A 181 8.31 -20.36 -23.73
C GLU A 181 9.43 -20.48 -24.77
N ARG A 182 10.65 -20.79 -24.35
CA ARG A 182 11.71 -21.12 -25.30
C ARG A 182 11.41 -22.49 -25.82
N LYS A 183 10.89 -22.57 -27.04
CA LYS A 183 10.40 -23.86 -27.61
C LYS A 183 11.50 -24.87 -27.93
N SER A 184 12.72 -24.36 -28.07
CA SER A 184 13.91 -25.17 -27.99
C SER A 184 13.58 -26.20 -26.92
N CYS A 185 13.14 -25.70 -25.75
CA CYS A 185 12.94 -26.48 -24.48
C CYS A 185 11.53 -26.96 -24.17
N ASN A 186 10.63 -26.02 -23.93
CA ASN A 186 9.24 -26.33 -23.63
C ASN A 186 9.01 -27.16 -22.36
N GLY A 187 9.95 -27.07 -21.44
CA GLY A 187 9.87 -27.81 -20.20
C GLY A 187 8.64 -27.38 -19.43
N LEU A 188 8.26 -28.20 -18.46
CA LEU A 188 7.20 -27.87 -17.54
C LEU A 188 7.65 -26.84 -16.52
N LEU A 189 6.85 -25.80 -16.33
CA LEU A 189 7.15 -24.81 -15.32
C LEU A 189 6.58 -25.21 -13.99
N ARG A 190 7.29 -24.86 -12.95
CA ARG A 190 6.79 -24.93 -11.59
C ARG A 190 6.93 -23.55 -11.00
N PRO A 191 6.19 -23.29 -9.92
CA PRO A 191 6.33 -22.05 -9.18
C PRO A 191 7.69 -21.97 -8.55
N HIS A 192 8.37 -20.86 -8.76
CA HIS A 192 9.66 -20.59 -8.18
C HIS A 192 9.53 -20.22 -6.73
N VAL A 193 9.23 -21.23 -5.94
CA VAL A 193 8.99 -21.04 -4.53
C VAL A 193 9.82 -22.13 -3.86
N VAL A 194 10.31 -21.89 -2.66
CA VAL A 194 10.96 -22.94 -1.97
C VAL A 194 9.93 -23.85 -1.34
N TRP A 195 9.98 -25.12 -1.73
CA TRP A 195 9.10 -26.09 -1.13
C TRP A 195 9.66 -26.74 0.13
N PHE A 196 8.81 -27.41 0.90
CA PHE A 196 9.25 -28.19 2.05
C PHE A 196 10.19 -29.26 1.62
N GLY A 197 11.26 -29.42 2.38
CA GLY A 197 12.32 -30.34 1.98
C GLY A 197 13.28 -29.83 0.91
N GLU A 198 13.11 -28.61 0.39
CA GLU A 198 14.14 -28.04 -0.51
C GLU A 198 15.05 -27.07 0.19
N THR A 199 16.14 -26.72 -0.45
CA THR A 199 17.09 -25.81 0.18
C THR A 199 17.00 -24.40 -0.35
N LEU A 200 17.27 -23.47 0.54
CA LEU A 200 17.41 -22.10 0.16
C LEU A 200 18.60 -21.92 -0.79
N ASP A 201 18.35 -21.18 -1.89
CA ASP A 201 19.41 -20.73 -2.83
C ASP A 201 20.56 -20.10 -2.05
N SER A 202 21.78 -20.59 -2.22
CA SER A 202 22.84 -20.12 -1.35
C SER A 202 23.45 -18.79 -1.80
N ASP A 203 23.36 -18.47 -3.10
CA ASP A 203 23.73 -17.12 -3.53
C ASP A 203 23.02 -16.07 -2.72
N ILE A 204 21.76 -16.33 -2.45
CA ILE A 204 20.96 -15.40 -1.72
C ILE A 204 21.44 -15.33 -0.28
N LEU A 205 21.61 -16.47 0.36
CA LEU A 205 22.03 -16.47 1.76
C LEU A 205 23.33 -15.74 1.97
N THR A 206 24.20 -15.79 0.97
CA THR A 206 25.48 -15.10 1.11
C THR A 206 25.29 -13.61 1.09
N ALA A 207 24.43 -13.16 0.19
CA ALA A 207 24.10 -11.76 0.09
C ALA A 207 23.52 -11.24 1.41
N VAL A 208 22.68 -12.07 2.02
CA VAL A 208 22.01 -11.66 3.23
C VAL A 208 22.97 -11.63 4.39
N GLU A 209 23.79 -12.67 4.50
CA GLU A 209 24.87 -12.62 5.46
C GLU A 209 25.58 -11.28 5.33
N ARG A 210 26.07 -10.99 4.14
CA ARG A 210 26.76 -9.75 3.89
C ARG A 210 25.92 -8.56 4.43
N GLU A 211 24.65 -8.45 4.00
CA GLU A 211 23.84 -7.32 4.45
C GLU A 211 23.76 -7.30 5.97
N LEU A 212 23.56 -8.45 6.61
CA LEU A 212 23.39 -8.42 8.05
C LEU A 212 24.63 -8.05 8.80
N GLU A 213 25.75 -8.55 8.32
CA GLU A 213 27.02 -8.14 8.84
C GLU A 213 27.21 -6.61 8.81
N LYS A 214 26.75 -5.98 7.72
CA LYS A 214 26.89 -4.55 7.47
C LYS A 214 25.90 -3.68 8.27
N CYS A 215 24.97 -4.31 8.97
CA CYS A 215 23.80 -3.57 9.38
C CYS A 215 24.00 -3.11 10.79
N ASP A 216 23.42 -1.97 11.15
CA ASP A 216 23.55 -1.42 12.53
C ASP A 216 22.25 -1.25 13.30
N LEU A 217 21.20 -1.82 12.75
CA LEU A 217 19.93 -1.88 13.41
C LEU A 217 19.11 -2.87 12.64
N CYS A 218 18.42 -3.76 13.33
CA CYS A 218 17.71 -4.87 12.67
C CYS A 218 16.28 -5.01 13.17
N LEU A 219 15.33 -5.09 12.26
CA LEU A 219 13.93 -5.18 12.61
C LEU A 219 13.40 -6.56 12.24
N VAL A 220 12.56 -7.11 13.12
CA VAL A 220 11.94 -8.39 12.86
C VAL A 220 10.46 -8.12 12.93
N VAL A 221 9.74 -8.36 11.85
CA VAL A 221 8.36 -7.92 11.75
C VAL A 221 7.51 -9.05 11.29
N GLY A 222 6.49 -9.33 12.08
CA GLY A 222 5.54 -10.36 11.75
C GLY A 222 6.07 -11.76 11.97
N THR A 223 6.93 -11.90 12.98
CA THR A 223 7.61 -13.16 13.38
C THR A 223 8.56 -12.80 14.54
N SER A 224 9.19 -13.78 15.17
CA SER A 224 10.10 -13.53 16.29
C SER A 224 11.47 -14.05 15.91
N SER A 225 12.49 -13.47 16.54
CA SER A 225 13.92 -13.83 16.32
C SER A 225 14.19 -15.26 16.74
N ILE A 226 13.30 -15.77 17.58
CA ILE A 226 13.48 -17.01 18.26
C ILE A 226 13.21 -18.15 17.27
N VAL A 227 12.52 -17.87 16.17
CA VAL A 227 12.15 -18.90 15.23
C VAL A 227 12.72 -18.69 13.85
N TYR A 228 12.77 -19.78 13.11
CA TYR A 228 13.07 -19.70 11.73
C TYR A 228 12.11 -18.69 11.11
N PRO A 229 12.60 -17.96 10.11
CA PRO A 229 14.02 -17.97 9.74
C PRO A 229 14.84 -16.88 10.40
N ALA A 230 14.17 -15.99 11.12
CA ALA A 230 14.87 -14.95 11.85
C ALA A 230 16.08 -15.52 12.63
N ALA A 231 15.92 -16.77 13.07
CA ALA A 231 16.90 -17.39 13.93
C ALA A 231 18.17 -17.85 13.26
N MET A 232 18.23 -17.82 11.94
CA MET A 232 19.47 -18.13 11.26
C MET A 232 20.54 -17.06 11.43
N PHE A 233 20.08 -15.87 11.82
CA PHE A 233 20.83 -14.65 11.69
C PHE A 233 20.90 -13.75 12.91
N ALA A 234 19.73 -13.45 13.47
CA ALA A 234 19.61 -12.51 14.60
C ALA A 234 20.75 -12.77 15.57
N PRO A 235 21.12 -14.05 15.80
CA PRO A 235 22.27 -14.36 16.65
C PRO A 235 23.59 -13.76 16.15
N GLN A 236 23.81 -13.79 14.84
CA GLN A 236 24.99 -13.18 14.22
C GLN A 236 25.03 -11.69 14.46
N VAL A 237 23.95 -11.00 14.11
CA VAL A 237 23.88 -9.56 14.32
C VAL A 237 23.91 -9.19 15.80
N ALA A 238 23.27 -9.97 16.66
CA ALA A 238 23.18 -9.61 18.08
C ALA A 238 24.56 -9.72 18.70
N SER A 239 25.31 -10.75 18.31
CA SER A 239 26.67 -10.98 18.81
C SER A 239 27.67 -9.88 18.39
N ARG A 240 27.29 -9.12 17.38
CA ARG A 240 28.00 -7.88 17.10
C ARG A 240 27.58 -6.70 17.97
N GLY A 241 26.58 -6.87 18.84
CA GLY A 241 26.03 -5.76 19.64
C GLY A 241 24.96 -4.88 19.00
N VAL A 242 24.48 -5.28 17.83
CA VAL A 242 23.48 -4.49 17.11
C VAL A 242 22.10 -4.65 17.72
N PRO A 243 21.34 -3.54 17.89
CA PRO A 243 20.04 -3.68 18.54
C PRO A 243 19.01 -4.29 17.62
N VAL A 244 18.04 -4.99 18.19
CA VAL A 244 17.06 -5.73 17.44
C VAL A 244 15.69 -5.48 18.02
N ALA A 245 14.73 -5.17 17.14
CA ALA A 245 13.35 -4.87 17.53
C ALA A 245 12.38 -5.84 16.88
N GLU A 246 11.57 -6.55 17.67
CA GLU A 246 10.52 -7.40 17.10
C GLU A 246 9.19 -6.59 17.01
N PHE A 247 8.37 -6.84 16.00
CA PHE A 247 7.00 -6.30 15.94
C PHE A 247 6.13 -7.42 15.52
N ASN A 248 5.28 -7.88 16.42
CA ASN A 248 4.40 -8.97 16.09
C ASN A 248 3.29 -9.04 17.13
N MET A 249 2.34 -9.92 16.86
CA MET A 249 1.19 -10.12 17.69
C MET A 249 1.52 -10.99 18.90
N GLU A 250 2.76 -11.45 19.00
CA GLU A 250 3.18 -12.31 20.16
C GLU A 250 3.27 -11.55 21.48
N CYS A 251 3.41 -12.30 22.56
CA CYS A 251 3.56 -11.77 23.91
C CYS A 251 4.85 -12.30 24.50
N THR A 252 5.40 -11.56 25.46
CA THR A 252 6.66 -11.92 26.09
C THR A 252 6.32 -11.90 27.62
N PRO A 253 7.10 -12.62 28.47
CA PRO A 253 6.65 -12.87 29.84
C PRO A 253 6.71 -11.64 30.73
N ALA A 254 5.78 -11.53 31.69
CA ALA A 254 5.74 -10.38 32.62
C ALA A 254 7.13 -9.78 32.93
N THR A 255 8.12 -10.67 33.22
CA THR A 255 9.49 -10.25 33.59
C THR A 255 10.43 -10.02 32.35
N GLN A 256 10.11 -9.03 31.49
CA GLN A 256 11.04 -8.53 30.44
C GLN A 256 10.60 -7.23 29.80
N LYS A 259 17.42 -6.20 22.42
CA LYS A 259 16.09 -6.40 21.82
C LYS A 259 14.93 -5.58 22.46
N TYR A 260 14.09 -4.98 21.61
CA TYR A 260 12.80 -4.38 22.00
C TYR A 260 11.64 -5.22 21.44
N HIS A 261 10.44 -5.11 22.01
CA HIS A 261 9.24 -5.80 21.49
C HIS A 261 7.96 -4.97 21.55
N PHE A 262 7.39 -4.70 20.39
CA PHE A 262 6.18 -3.92 20.28
C PHE A 262 5.10 -4.87 19.85
N GLU A 263 4.39 -5.34 20.89
CA GLU A 263 3.27 -6.25 20.71
C GLU A 263 2.19 -5.49 19.94
N GLY A 264 1.56 -6.18 19.00
CA GLY A 264 0.45 -5.63 18.25
C GLY A 264 0.68 -5.73 16.76
N PRO A 265 -0.39 -5.45 15.98
CA PRO A 265 -0.40 -5.53 14.54
C PRO A 265 0.62 -4.58 13.98
N CYS A 266 1.54 -5.16 13.21
CA CYS A 266 2.47 -4.43 12.37
C CYS A 266 1.86 -3.20 11.70
N GLY A 267 0.64 -3.38 11.17
CA GLY A 267 -0.14 -2.31 10.53
C GLY A 267 -0.19 -1.09 11.38
N SER A 268 -0.41 -1.28 12.69
CA SER A 268 -0.42 -0.17 13.64
C SER A 268 0.94 0.14 14.28
N THR A 269 1.63 -0.89 14.76
CA THR A 269 2.83 -0.68 15.56
C THR A 269 3.89 0.06 14.76
N LEU A 270 4.05 -0.34 13.50
CA LEU A 270 5.26 -0.01 12.75
C LEU A 270 5.33 1.42 12.17
N PRO A 271 4.27 1.89 11.50
CA PRO A 271 4.39 3.22 10.83
C PRO A 271 4.80 4.40 11.72
N PRO A 272 4.17 4.54 12.89
CA PRO A 272 4.68 5.48 13.88
C PRO A 272 6.17 5.31 14.15
N ALA A 273 6.61 4.05 14.23
CA ALA A 273 8.01 3.71 14.55
C ALA A 273 8.99 4.20 13.50
N LEU A 274 8.55 4.29 12.25
CA LEU A 274 9.46 4.62 11.17
C LEU A 274 9.38 6.04 10.61
N GLU A 275 8.50 6.87 11.17
CA GLU A 275 8.29 8.19 10.59
C GLU A 275 9.55 9.11 10.57
N SER B 10 -28.72 -1.74 -6.61
CA SER B 10 -28.19 -3.12 -6.76
C SER B 10 -26.88 -3.32 -5.95
N SER B 11 -26.78 -4.47 -5.29
CA SER B 11 -25.51 -4.96 -4.73
C SER B 11 -24.88 -5.95 -5.69
N ASP B 12 -25.56 -6.20 -6.81
CA ASP B 12 -25.11 -7.20 -7.76
C ASP B 12 -23.72 -6.84 -8.27
N LEU B 13 -22.74 -7.32 -7.53
CA LEU B 13 -21.35 -7.21 -7.89
C LEU B 13 -21.09 -7.78 -9.28
N THR B 14 -21.62 -8.97 -9.55
CA THR B 14 -21.44 -9.60 -10.88
C THR B 14 -21.75 -8.58 -11.97
N ALA B 15 -22.88 -7.90 -11.83
CA ALA B 15 -23.37 -6.99 -12.87
C ALA B 15 -22.42 -5.83 -13.04
N PHE B 16 -22.02 -5.24 -11.92
CA PHE B 16 -20.98 -4.25 -11.96
C PHE B 16 -19.79 -4.77 -12.74
N ARG B 17 -19.27 -5.94 -12.35
CA ARG B 17 -18.04 -6.47 -12.99
C ARG B 17 -18.17 -6.56 -14.50
N GLU B 18 -19.36 -6.91 -14.98
CA GLU B 18 -19.60 -6.97 -16.41
C GLU B 18 -19.33 -5.60 -17.06
N HIS B 19 -19.83 -4.53 -16.43
CA HIS B 19 -19.58 -3.20 -17.00
C HIS B 19 -18.13 -2.86 -16.94
N PHE B 20 -17.54 -3.27 -15.83
CA PHE B 20 -16.13 -3.08 -15.56
C PHE B 20 -15.30 -3.57 -16.72
N ALA B 21 -15.52 -4.83 -17.11
CA ALA B 21 -14.73 -5.50 -18.16
C ALA B 21 -14.84 -4.79 -19.48
N LYS B 22 -16.02 -4.26 -19.76
CA LYS B 22 -16.24 -3.56 -21.00
C LYS B 22 -15.64 -2.17 -21.01
N ALA B 23 -15.59 -1.52 -19.86
CA ALA B 23 -15.20 -0.10 -19.81
C ALA B 23 -13.82 0.24 -20.37
N LYS B 24 -13.75 1.32 -21.13
CA LYS B 24 -12.50 1.81 -21.67
C LYS B 24 -12.02 3.10 -21.03
N HIS B 25 -12.91 3.86 -20.42
CA HIS B 25 -12.54 5.16 -19.84
C HIS B 25 -13.25 5.35 -18.51
N ILE B 26 -12.62 4.85 -17.48
CA ILE B 26 -13.19 4.86 -16.18
C ILE B 26 -12.77 6.10 -15.48
N ALA B 27 -13.70 6.71 -14.78
CA ALA B 27 -13.42 7.87 -13.96
C ALA B 27 -13.88 7.59 -12.54
N ILE B 28 -13.00 7.92 -11.58
CA ILE B 28 -13.18 7.56 -10.22
C ILE B 28 -13.13 8.81 -9.40
N ILE B 29 -14.23 9.12 -8.73
CA ILE B 29 -14.26 10.27 -7.89
C ILE B 29 -14.09 9.82 -6.43
N THR B 30 -13.24 10.54 -5.69
CA THR B 30 -12.93 10.12 -4.34
C THR B 30 -13.14 11.21 -3.33
N GLY B 31 -13.83 10.86 -2.25
CA GLY B 31 -14.16 11.79 -1.21
C GLY B 31 -13.36 11.57 0.05
N ALA B 32 -13.80 12.18 1.14
CA ALA B 32 -13.05 12.14 2.37
C ALA B 32 -13.04 10.77 2.96
N GLY B 33 -13.99 9.93 2.60
CA GLY B 33 -14.09 8.60 3.23
C GLY B 33 -12.80 7.83 3.11
N VAL B 34 -12.13 8.07 2.01
CA VAL B 34 -10.97 7.31 1.67
C VAL B 34 -9.80 7.79 2.45
N SER B 35 -9.66 9.09 2.62
CA SER B 35 -8.60 9.62 3.44
C SER B 35 -8.88 9.27 4.92
N ALA B 36 -10.16 9.20 5.25
CA ALA B 36 -10.52 8.88 6.61
C ALA B 36 -9.96 7.53 6.99
N GLU B 37 -10.16 6.54 6.12
CA GLU B 37 -9.73 5.20 6.41
C GLU B 37 -8.21 5.07 6.57
N SER B 38 -7.45 6.10 6.23
CA SER B 38 -6.05 6.05 6.48
C SER B 38 -5.71 6.80 7.74
N GLY B 39 -6.74 7.23 8.47
CA GLY B 39 -6.54 7.96 9.71
C GLY B 39 -6.26 9.44 9.59
N VAL B 40 -6.49 10.02 8.42
CA VAL B 40 -6.22 11.46 8.26
C VAL B 40 -7.31 12.26 8.98
N PRO B 41 -6.91 13.21 9.87
CA PRO B 41 -7.90 14.08 10.54
C PRO B 41 -8.48 15.12 9.62
N THR B 42 -9.75 15.46 9.82
CA THR B 42 -10.31 16.56 9.03
C THR B 42 -10.69 17.75 9.85
N PHE B 43 -10.52 17.70 11.15
CA PHE B 43 -10.77 18.89 11.95
C PHE B 43 -12.15 19.52 11.76
N ARG B 44 -13.19 18.70 11.89
CA ARG B 44 -14.54 19.12 11.58
C ARG B 44 -15.62 18.52 12.47
N GLY B 45 -15.62 17.19 12.66
CA GLY B 45 -16.56 16.55 13.59
C GLY B 45 -16.50 17.24 14.95
N PRO B 46 -17.32 16.77 15.92
CA PRO B 46 -17.29 17.48 17.19
C PRO B 46 -15.92 17.38 17.84
N GLY B 47 -15.24 16.24 17.71
CA GLY B 47 -13.93 16.09 18.28
C GLY B 47 -12.81 16.62 17.39
N GLY B 48 -13.16 17.32 16.32
CA GLY B 48 -12.16 17.68 15.32
C GLY B 48 -11.57 19.05 15.60
N PHE B 49 -10.71 19.15 16.62
CA PHE B 49 -10.12 20.43 16.95
C PHE B 49 -8.61 20.45 16.74
N TRP B 50 -8.10 21.64 16.50
CA TRP B 50 -6.68 21.88 16.47
C TRP B 50 -6.50 23.12 17.29
N ARG B 51 -5.94 22.96 18.49
CA ARG B 51 -5.98 24.04 19.48
C ARG B 51 -7.45 24.57 19.62
N LYS B 52 -7.66 25.89 19.69
CA LYS B 52 -9.01 26.41 19.81
C LYS B 52 -9.89 26.07 18.59
N TRP B 53 -9.28 25.93 17.43
CA TRP B 53 -10.04 26.08 16.19
C TRP B 53 -10.48 24.80 15.51
N GLN B 54 -11.54 24.92 14.72
CA GLN B 54 -11.89 23.92 13.73
C GLN B 54 -11.43 24.43 12.36
N ALA B 55 -11.56 23.61 11.31
CA ALA B 55 -11.05 24.00 9.99
C ALA B 55 -11.76 25.20 9.38
N GLN B 56 -13.08 25.27 9.57
CA GLN B 56 -13.86 26.42 9.10
C GLN B 56 -13.25 27.73 9.61
N ASP B 57 -12.71 27.73 10.82
CA ASP B 57 -12.07 28.93 11.35
C ASP B 57 -10.79 29.26 10.62
N LEU B 58 -10.03 28.27 10.22
CA LEU B 58 -8.68 28.57 9.73
C LEU B 58 -8.47 28.49 8.24
N ALA B 59 -9.24 27.62 7.59
CA ALA B 59 -9.05 27.41 6.17
C ALA B 59 -9.73 28.47 5.28
N THR B 60 -9.41 29.74 5.49
CA THR B 60 -10.07 30.82 4.76
C THR B 60 -9.08 31.90 4.38
N PRO B 61 -9.33 32.58 3.26
CA PRO B 61 -8.43 33.67 2.89
C PRO B 61 -8.27 34.71 3.97
N GLU B 62 -9.32 34.87 4.79
CA GLU B 62 -9.40 35.90 5.84
C GLU B 62 -8.46 35.55 6.99
N ALA B 63 -8.52 34.32 7.45
CA ALA B 63 -7.59 33.85 8.50
C ALA B 63 -6.14 34.09 8.08
N PHE B 64 -5.85 33.81 6.82
CA PHE B 64 -4.49 33.96 6.28
C PHE B 64 -4.04 35.40 6.17
N SER B 65 -4.89 36.20 5.55
CA SER B 65 -4.71 37.65 5.55
C SER B 65 -4.54 38.19 6.98
N ARG B 66 -5.30 37.64 7.93
CA ARG B 66 -5.29 38.11 9.30
C ARG B 66 -4.07 37.58 10.03
N ASP B 67 -3.94 36.27 10.20
CA ASP B 67 -2.85 35.73 11.01
C ASP B 67 -2.15 34.62 10.27
N PRO B 68 -1.28 34.96 9.30
CA PRO B 68 -0.63 33.92 8.47
C PRO B 68 0.28 32.95 9.20
N SER B 69 0.98 33.40 10.25
CA SER B 69 1.80 32.48 11.03
C SER B 69 0.94 31.36 11.59
N LEU B 70 -0.11 31.73 12.28
CA LEU B 70 -1.02 30.74 12.85
C LEU B 70 -1.55 29.70 11.81
N VAL B 71 -1.95 30.18 10.64
CA VAL B 71 -2.52 29.30 9.62
C VAL B 71 -1.44 28.32 9.14
N TRP B 72 -0.28 28.87 8.81
CA TRP B 72 0.85 28.05 8.44
C TRP B 72 1.24 27.08 9.54
N GLU B 73 1.12 27.45 10.81
CA GLU B 73 1.36 26.45 11.86
C GLU B 73 0.44 25.26 11.65
N PHE B 74 -0.85 25.56 11.52
CA PHE B 74 -1.90 24.58 11.23
C PHE B 74 -1.59 23.68 10.05
N TYR B 75 -1.14 24.28 8.97
CA TYR B 75 -0.84 23.51 7.80
C TYR B 75 0.45 22.70 8.00
N HIS B 76 1.50 23.27 8.62
CA HIS B 76 2.71 22.50 8.97
C HIS B 76 2.28 21.23 9.65
N TYR B 77 1.50 21.35 10.71
CA TYR B 77 1.07 20.15 11.41
C TYR B 77 0.55 19.12 10.45
N ARG B 78 -0.31 19.58 9.56
CA ARG B 78 -1.03 18.66 8.69
C ARG B 78 -0.07 17.94 7.76
N ARG B 79 0.82 18.72 7.16
CA ARG B 79 1.93 18.17 6.40
C ARG B 79 2.67 17.10 7.18
N GLU B 80 2.94 17.34 8.47
CA GLU B 80 3.75 16.43 9.28
C GLU B 80 3.00 15.16 9.68
N VAL B 81 1.72 15.27 10.09
CA VAL B 81 1.03 14.04 10.51
C VAL B 81 0.85 13.09 9.37
N MET B 82 1.11 13.57 8.14
CA MET B 82 1.05 12.72 6.95
C MET B 82 2.14 11.66 6.90
N ARG B 83 3.20 11.94 7.62
CA ARG B 83 4.34 11.10 7.63
C ARG B 83 4.00 9.78 8.27
N SER B 84 2.95 9.71 9.09
CA SER B 84 2.56 8.43 9.72
C SER B 84 1.27 7.82 9.18
N LYS B 85 0.55 8.55 8.34
CA LYS B 85 -0.66 7.99 7.72
C LYS B 85 -0.33 7.38 6.37
N MET B 86 -0.74 6.14 6.12
CA MET B 86 -0.41 5.52 4.87
C MET B 86 -1.65 5.28 4.02
N PRO B 87 -1.44 5.12 2.72
CA PRO B 87 -2.51 4.72 1.80
C PRO B 87 -3.17 3.44 2.23
N ASN B 88 -4.49 3.44 2.28
CA ASN B 88 -5.20 2.21 2.51
C ASN B 88 -5.34 1.40 1.23
N PRO B 89 -5.93 0.20 1.34
CA PRO B 89 -6.11 -0.72 0.23
C PRO B 89 -6.88 -0.17 -0.89
N ALA B 90 -7.81 0.71 -0.58
CA ALA B 90 -8.60 1.32 -1.64
C ALA B 90 -7.72 2.22 -2.49
N HIS B 91 -6.80 2.96 -1.88
CA HIS B 91 -5.91 3.84 -2.65
C HIS B 91 -5.15 3.02 -3.60
N LEU B 92 -4.71 1.86 -3.11
CA LEU B 92 -3.82 0.99 -3.88
C LEU B 92 -4.54 0.31 -4.98
N ALA B 93 -5.70 -0.25 -4.65
CA ALA B 93 -6.45 -1.02 -5.61
C ALA B 93 -6.68 -0.14 -6.82
N ILE B 94 -7.04 1.10 -6.57
CA ILE B 94 -7.14 2.06 -7.63
C ILE B 94 -5.83 2.17 -8.43
N ALA B 95 -4.74 2.57 -7.77
CA ALA B 95 -3.47 2.81 -8.48
C ALA B 95 -3.04 1.64 -9.36
N GLU B 96 -3.27 0.43 -8.85
CA GLU B 96 -2.83 -0.73 -9.54
C GLU B 96 -3.81 -1.01 -10.66
N CYS B 97 -5.07 -0.68 -10.44
CA CYS B 97 -6.05 -0.72 -11.55
C CYS B 97 -5.60 0.13 -12.74
N GLU B 98 -5.34 1.40 -12.45
CA GLU B 98 -4.88 2.32 -13.47
C GLU B 98 -3.72 1.70 -14.22
N ALA B 99 -2.79 1.12 -13.47
CA ALA B 99 -1.61 0.51 -14.09
C ALA B 99 -1.98 -0.66 -15.00
N ARG B 100 -2.67 -1.65 -14.44
CA ARG B 100 -3.15 -2.80 -15.22
C ARG B 100 -3.90 -2.39 -16.51
N LEU B 101 -4.90 -1.55 -16.38
CA LEU B 101 -5.72 -1.17 -17.51
C LEU B 101 -4.95 -0.39 -18.52
N GLY B 102 -4.00 0.42 -18.06
CA GLY B 102 -3.22 1.25 -18.98
C GLY B 102 -2.48 0.45 -20.02
N GLN B 103 -1.92 -0.67 -19.57
CA GLN B 103 -1.33 -1.64 -20.48
C GLN B 103 -2.29 -2.22 -21.49
N GLN B 104 -3.57 -2.28 -21.15
CA GLN B 104 -4.57 -2.75 -22.10
C GLN B 104 -5.05 -1.59 -22.93
N GLY B 105 -4.39 -0.43 -22.87
CA GLY B 105 -4.90 0.78 -23.52
C GLY B 105 -6.22 1.34 -22.96
N ARG B 106 -6.59 1.02 -21.73
CA ARG B 106 -7.81 1.57 -21.15
C ARG B 106 -7.44 2.58 -20.08
N SER B 107 -8.13 3.71 -20.06
CA SER B 107 -7.71 4.77 -19.17
C SER B 107 -8.45 4.66 -17.85
N VAL B 108 -7.83 5.23 -16.82
CA VAL B 108 -8.42 5.39 -15.50
C VAL B 108 -7.96 6.70 -14.92
N VAL B 109 -8.93 7.56 -14.55
CA VAL B 109 -8.64 8.87 -13.99
C VAL B 109 -9.26 9.04 -12.64
N ILE B 110 -8.57 9.84 -11.83
CA ILE B 110 -8.94 10.08 -10.48
C ILE B 110 -9.17 11.56 -10.29
N ILE B 111 -10.35 11.85 -9.76
CA ILE B 111 -10.80 13.16 -9.41
C ILE B 111 -11.04 13.11 -7.92
N THR B 112 -10.23 13.81 -7.15
CA THR B 112 -10.30 13.71 -5.72
C THR B 112 -10.46 15.07 -5.06
N GLN B 113 -11.28 15.09 -4.01
CA GLN B 113 -11.43 16.26 -3.18
C GLN B 113 -10.42 16.26 -2.09
N ASN B 114 -9.58 15.24 -2.02
CA ASN B 114 -8.65 15.15 -0.92
C ASN B 114 -7.34 15.81 -1.26
N ILE B 115 -6.62 16.25 -0.24
CA ILE B 115 -5.43 17.08 -0.47
C ILE B 115 -4.17 16.52 0.16
N ASP B 116 -4.25 15.27 0.58
CA ASP B 116 -3.21 14.60 1.34
C ASP B 116 -2.20 13.84 0.44
N GLU B 117 -2.39 13.91 -0.87
CA GLU B 117 -1.54 13.19 -1.83
C GLU B 117 -1.46 11.70 -1.57
N LEU B 118 -2.44 11.12 -0.88
CA LEU B 118 -2.41 9.67 -0.70
C LEU B 118 -2.46 8.94 -2.02
N HIS B 119 -3.30 9.33 -2.96
CA HIS B 119 -3.37 8.58 -4.21
C HIS B 119 -2.03 8.53 -4.93
N HIS B 120 -1.22 9.57 -4.76
CA HIS B 120 0.05 9.72 -5.45
C HIS B 120 1.02 8.74 -4.81
N ARG B 121 1.02 8.75 -3.49
CA ARG B 121 1.80 7.82 -2.70
C ARG B 121 1.42 6.36 -2.93
N ALA B 122 0.22 6.11 -3.41
CA ALA B 122 -0.20 4.73 -3.74
C ALA B 122 0.27 4.33 -5.13
N GLY B 123 0.71 5.30 -5.93
CA GLY B 123 1.12 5.05 -7.31
C GLY B 123 0.15 5.43 -8.41
N SER B 124 -0.90 6.16 -8.06
CA SER B 124 -1.78 6.70 -9.08
C SER B 124 -1.00 7.81 -9.83
N LYS B 125 -1.29 7.91 -11.13
CA LYS B 125 -0.65 8.85 -12.06
C LYS B 125 -1.61 9.87 -12.55
N HIS B 126 -2.72 9.44 -13.14
CA HIS B 126 -3.68 10.38 -13.71
C HIS B 126 -4.63 10.76 -12.63
N VAL B 127 -4.22 11.74 -11.84
CA VAL B 127 -5.03 12.26 -10.73
C VAL B 127 -5.34 13.75 -10.89
N TYR B 128 -6.54 14.17 -10.52
CA TYR B 128 -6.83 15.58 -10.51
C TYR B 128 -7.21 15.93 -9.09
N GLU B 129 -6.43 16.79 -8.47
CA GLU B 129 -6.67 17.22 -7.11
C GLU B 129 -7.34 18.55 -7.21
N ILE B 130 -8.65 18.54 -7.02
CA ILE B 130 -9.45 19.73 -7.30
C ILE B 130 -9.58 20.67 -6.12
N HIS B 131 -9.04 20.27 -4.98
CA HIS B 131 -8.98 21.18 -3.89
C HIS B 131 -7.55 21.47 -3.64
N GLY B 132 -6.69 21.11 -4.58
CA GLY B 132 -5.27 21.37 -4.40
C GLY B 132 -4.58 20.31 -3.58
N SER B 133 -3.51 20.70 -2.89
CA SER B 133 -2.64 19.76 -2.16
C SER B 133 -1.78 20.46 -1.10
N LEU B 134 -1.79 19.87 0.10
CA LEU B 134 -0.90 20.33 1.15
C LEU B 134 0.56 20.38 0.73
N PHE B 135 0.96 19.60 -0.27
CA PHE B 135 2.37 19.59 -0.65
C PHE B 135 2.59 20.36 -1.95
N LYS B 136 1.87 21.48 -2.04
CA LYS B 136 2.09 22.49 -3.05
C LYS B 136 1.91 23.86 -2.45
N THR B 137 2.70 24.80 -2.94
CA THR B 137 2.63 26.21 -2.56
C THR B 137 2.21 27.11 -3.74
N ARG B 138 1.58 28.22 -3.41
CA ARG B 138 1.31 29.24 -4.41
C ARG B 138 1.86 30.56 -3.92
N CYS B 139 2.62 31.26 -4.78
CA CYS B 139 3.21 32.54 -4.38
C CYS B 139 2.12 33.58 -4.45
N MET B 140 1.95 34.32 -3.36
CA MET B 140 0.95 35.37 -3.31
C MET B 140 1.33 36.51 -4.25
N SER B 141 2.62 36.68 -4.51
CA SER B 141 3.06 37.70 -5.45
C SER B 141 2.84 37.27 -6.88
N CYS B 142 3.62 36.29 -7.34
CA CYS B 142 3.63 35.94 -8.77
C CYS B 142 2.68 34.83 -9.14
N GLY B 143 2.14 34.09 -8.17
CA GLY B 143 1.21 33.02 -8.48
C GLY B 143 1.81 31.69 -8.91
N GLU B 144 3.12 31.57 -8.85
CA GLU B 144 3.77 30.31 -9.20
C GLU B 144 3.33 29.22 -8.22
N VAL B 145 3.00 28.07 -8.79
CA VAL B 145 2.61 26.90 -8.01
C VAL B 145 3.80 25.94 -8.01
N LYS B 146 4.33 25.56 -6.86
CA LYS B 146 5.44 24.61 -6.85
C LYS B 146 5.24 23.47 -5.86
N ALA B 147 5.80 22.32 -6.21
CA ALA B 147 5.72 21.16 -5.35
C ALA B 147 6.55 21.47 -4.15
N ASN B 148 6.16 20.93 -3.00
CA ASN B 148 6.98 21.05 -1.81
C ASN B 148 6.70 19.99 -0.71
N HIS B 149 7.67 19.11 -0.44
CA HIS B 149 7.50 18.11 0.61
C HIS B 149 8.50 18.27 1.72
N LYS B 150 9.31 19.32 1.65
CA LYS B 150 10.30 19.57 2.68
C LYS B 150 9.70 19.55 4.08
N SER B 151 10.44 18.98 5.01
CA SER B 151 10.03 18.92 6.40
C SER B 151 11.22 19.33 7.21
N PRO B 152 11.13 20.43 7.94
CA PRO B 152 9.99 21.33 7.87
C PRO B 152 10.09 22.24 6.65
N ILE B 153 8.95 22.61 6.10
CA ILE B 153 8.87 23.51 4.93
C ILE B 153 9.76 24.75 4.99
N CYS B 154 9.98 25.25 6.20
CA CYS B 154 10.97 26.28 6.45
C CYS B 154 11.46 26.16 7.89
N PRO B 155 12.73 26.58 8.15
CA PRO B 155 13.34 26.45 9.48
C PRO B 155 12.48 27.06 10.56
N ALA B 156 12.05 28.30 10.35
CA ALA B 156 11.26 29.02 11.34
C ALA B 156 10.14 28.17 11.91
N LEU B 157 9.66 27.22 11.11
CA LEU B 157 8.52 26.41 11.48
C LEU B 157 8.91 25.10 12.16
N ASP B 158 10.21 24.88 12.39
CA ASP B 158 10.65 23.59 12.92
C ASP B 158 9.97 23.26 14.23
N GLY B 159 9.47 22.03 14.33
CA GLY B 159 8.73 21.59 15.52
C GLY B 159 7.66 22.55 15.99
N LYS B 160 6.92 23.17 15.09
CA LYS B 160 5.84 24.03 15.51
C LYS B 160 4.54 23.29 15.24
N GLY B 161 3.42 24.03 15.32
CA GLY B 161 2.10 23.53 14.98
C GLY B 161 1.55 22.46 15.91
N ALA B 162 1.94 22.49 17.17
CA ALA B 162 1.44 21.51 18.11
C ALA B 162 -0.08 21.65 18.24
N PRO B 163 -0.80 20.52 18.32
CA PRO B 163 -2.26 20.47 18.38
C PRO B 163 -2.93 20.75 19.74
N ASP B 164 -2.26 20.48 20.86
CA ASP B 164 -2.93 20.65 22.17
C ASP B 164 -3.34 22.12 22.35
N PRO B 165 -4.61 22.35 22.72
CA PRO B 165 -5.18 23.68 22.93
C PRO B 165 -4.24 24.74 23.54
N ASN B 166 -3.45 24.37 24.54
CA ASN B 166 -2.64 25.33 25.27
C ASN B 166 -1.29 25.62 24.69
N THR B 167 -1.05 25.21 23.45
CA THR B 167 0.23 25.50 22.82
C THR B 167 0.39 27.01 22.63
N LYS B 168 1.62 27.50 22.74
CA LYS B 168 1.85 28.90 22.51
C LYS B 168 1.91 29.16 21.00
N GLU B 169 1.28 30.25 20.54
CA GLU B 169 1.41 30.70 19.15
C GLU B 169 2.88 30.95 18.86
N ALA B 170 3.38 30.50 17.71
CA ALA B 170 4.78 30.76 17.32
C ALA B 170 4.97 32.18 16.84
N ARG B 171 3.87 32.86 16.48
CA ARG B 171 3.87 34.28 16.06
C ARG B 171 5.15 34.60 15.27
N ILE B 172 5.29 33.91 14.15
CA ILE B 172 6.47 34.00 13.31
C ILE B 172 6.34 35.23 12.44
N PRO B 173 7.42 36.01 12.30
CA PRO B 173 7.40 37.15 11.39
C PRO B 173 7.24 36.69 9.97
N VAL B 174 6.43 37.42 9.21
CA VAL B 174 6.10 37.02 7.84
C VAL B 174 7.29 36.71 6.96
N GLU B 175 8.39 37.42 7.14
CA GLU B 175 9.49 37.28 6.22
C GLU B 175 10.16 35.93 6.39
N LEU B 176 9.84 35.20 7.46
CA LEU B 176 10.47 33.90 7.75
C LEU B 176 9.60 32.69 7.39
N LEU B 177 8.29 32.93 7.29
CA LEU B 177 7.37 31.96 6.72
C LEU B 177 7.85 31.66 5.31
N PRO B 178 7.35 30.59 4.73
CA PRO B 178 7.88 30.18 3.44
C PRO B 178 7.73 31.24 2.36
N ARG B 179 8.82 31.49 1.65
CA ARG B 179 8.89 32.55 0.62
C ARG B 179 9.32 32.02 -0.73
N CYS B 180 8.87 32.72 -1.75
CA CYS B 180 9.09 32.36 -3.13
C CYS B 180 10.55 32.48 -3.50
N GLU B 181 11.14 31.40 -3.97
CA GLU B 181 12.58 31.41 -4.03
C GLU B 181 13.18 32.03 -5.28
N ARG B 182 12.34 32.41 -6.24
CA ARG B 182 12.78 33.34 -7.27
C ARG B 182 12.88 34.69 -6.57
N LYS B 183 14.11 35.10 -6.22
CA LYS B 183 14.37 36.34 -5.44
C LYS B 183 14.06 37.62 -6.18
N SER B 184 13.99 37.53 -7.51
CA SER B 184 13.29 38.53 -8.31
C SER B 184 12.07 38.94 -7.48
N CYS B 185 11.28 37.94 -7.10
CA CYS B 185 9.97 38.09 -6.45
C CYS B 185 9.97 38.02 -4.92
N ASN B 186 10.34 36.86 -4.38
CA ASN B 186 10.34 36.65 -2.94
C ASN B 186 8.97 36.83 -2.24
N GLY B 187 7.88 36.63 -2.98
CA GLY B 187 6.56 36.74 -2.43
C GLY B 187 6.33 35.72 -1.33
N LEU B 188 5.32 35.96 -0.51
CA LEU B 188 4.89 35.03 0.56
C LEU B 188 4.15 33.85 -0.08
N LEU B 189 4.51 32.64 0.32
CA LEU B 189 3.82 31.48 -0.13
C LEU B 189 2.63 31.20 0.78
N ARG B 190 1.56 30.70 0.17
CA ARG B 190 0.43 30.07 0.87
C ARG B 190 0.24 28.64 0.36
N PRO B 191 -0.49 27.82 1.13
CA PRO B 191 -0.74 26.48 0.71
C PRO B 191 -1.66 26.50 -0.46
N HIS B 192 -1.30 25.79 -1.51
CA HIS B 192 -2.12 25.68 -2.72
C HIS B 192 -3.27 24.73 -2.46
N VAL B 193 -4.23 25.18 -1.68
CA VAL B 193 -5.39 24.37 -1.37
C VAL B 193 -6.55 25.28 -1.61
N VAL B 194 -7.72 24.73 -1.92
CA VAL B 194 -8.91 25.56 -2.04
C VAL B 194 -9.56 25.77 -0.70
N TRP B 195 -9.59 27.02 -0.28
CA TRP B 195 -10.10 27.33 1.06
C TRP B 195 -11.59 27.46 0.98
N PHE B 196 -12.24 27.57 2.15
CA PHE B 196 -13.67 27.88 2.22
C PHE B 196 -13.95 29.24 1.61
N GLY B 197 -15.01 29.26 0.84
CA GLY B 197 -15.33 30.45 0.09
C GLY B 197 -14.51 30.66 -1.16
N GLU B 198 -13.53 29.82 -1.47
CA GLU B 198 -12.85 29.97 -2.75
C GLU B 198 -13.39 28.99 -3.79
N THR B 199 -13.13 29.33 -5.03
CA THR B 199 -13.66 28.58 -6.12
C THR B 199 -12.59 27.80 -6.81
N LEU B 200 -13.03 26.80 -7.51
CA LEU B 200 -12.11 25.89 -8.17
C LEU B 200 -11.44 26.48 -9.42
N ASP B 201 -10.11 26.25 -9.55
CA ASP B 201 -9.32 26.58 -10.74
C ASP B 201 -10.05 26.04 -11.94
N SER B 202 -10.35 26.88 -12.91
CA SER B 202 -11.18 26.44 -14.04
C SER B 202 -10.40 25.65 -15.13
N ASP B 203 -9.09 25.86 -15.28
CA ASP B 203 -8.24 25.01 -16.13
C ASP B 203 -8.50 23.53 -15.77
N ILE B 204 -8.58 23.26 -14.48
CA ILE B 204 -8.78 21.92 -13.98
C ILE B 204 -10.21 21.44 -14.33
N LEU B 205 -11.21 22.25 -14.04
CA LEU B 205 -12.57 21.83 -14.32
C LEU B 205 -12.79 21.49 -15.77
N THR B 206 -12.10 22.19 -16.65
CA THR B 206 -12.29 21.93 -18.05
C THR B 206 -11.77 20.59 -18.40
N ALA B 207 -10.61 20.26 -17.84
CA ALA B 207 -10.02 18.96 -18.05
C ALA B 207 -10.94 17.85 -17.58
N VAL B 208 -11.58 18.08 -16.45
CA VAL B 208 -12.41 17.07 -15.81
C VAL B 208 -13.66 16.91 -16.62
N GLU B 209 -14.25 18.02 -17.04
CA GLU B 209 -15.34 17.95 -17.97
C GLU B 209 -14.93 17.02 -19.11
N ARG B 210 -13.82 17.36 -19.76
CA ARG B 210 -13.32 16.56 -20.86
C ARG B 210 -13.32 15.08 -20.42
N GLU B 211 -12.68 14.76 -19.30
CA GLU B 211 -12.55 13.35 -18.89
C GLU B 211 -13.90 12.74 -18.66
N LEU B 212 -14.80 13.45 -18.02
CA LEU B 212 -16.07 12.85 -17.78
C LEU B 212 -16.89 12.62 -19.07
N GLU B 213 -16.81 13.57 -19.99
CA GLU B 213 -17.40 13.44 -21.33
C GLU B 213 -17.08 12.10 -21.93
N LYS B 214 -15.78 11.82 -21.84
CA LYS B 214 -15.07 10.72 -22.50
C LYS B 214 -15.33 9.39 -21.78
N CYS B 215 -16.00 9.41 -20.63
CA CYS B 215 -15.95 8.26 -19.74
C CYS B 215 -17.14 7.38 -19.96
N ASP B 216 -16.97 6.07 -19.77
CA ASP B 216 -18.09 5.14 -19.93
C ASP B 216 -18.45 4.34 -18.67
N LEU B 217 -17.86 4.74 -17.56
CA LEU B 217 -18.15 4.12 -16.29
C LEU B 217 -17.57 5.01 -15.23
N CYS B 218 -18.33 5.28 -14.18
CA CYS B 218 -17.95 6.23 -13.16
C CYS B 218 -18.09 5.68 -11.72
N LEU B 219 -17.05 5.83 -10.90
CA LEU B 219 -17.03 5.34 -9.52
C LEU B 219 -17.00 6.47 -8.55
N VAL B 220 -17.77 6.33 -7.48
CA VAL B 220 -17.79 7.35 -6.46
C VAL B 220 -17.40 6.65 -5.22
N VAL B 221 -16.32 7.08 -4.62
CA VAL B 221 -15.76 6.36 -3.52
C VAL B 221 -15.51 7.27 -2.34
N GLY B 222 -16.07 6.90 -1.20
CA GLY B 222 -15.82 7.61 0.04
C GLY B 222 -16.62 8.88 0.13
N THR B 223 -17.79 8.85 -0.48
CA THR B 223 -18.72 9.98 -0.59
C THR B 223 -19.90 9.52 -1.46
N SER B 224 -20.96 10.30 -1.57
CA SER B 224 -22.15 9.92 -2.32
C SER B 224 -22.23 10.89 -3.48
N SER B 225 -22.85 10.46 -4.58
CA SER B 225 -23.10 11.31 -5.77
C SER B 225 -23.97 12.52 -5.47
N ILE B 226 -24.76 12.43 -4.39
CA ILE B 226 -25.78 13.46 -4.14
C ILE B 226 -25.23 14.60 -3.32
N VAL B 227 -24.02 14.48 -2.77
CA VAL B 227 -23.50 15.55 -1.91
C VAL B 227 -22.49 16.36 -2.66
N TYR B 228 -22.40 17.63 -2.29
CA TYR B 228 -21.43 18.52 -2.92
C TYR B 228 -20.14 18.17 -2.23
N PRO B 229 -19.05 18.09 -2.98
CA PRO B 229 -18.97 18.46 -4.38
C PRO B 229 -19.04 17.24 -5.31
N ALA B 230 -19.05 16.03 -4.79
CA ALA B 230 -19.22 14.87 -5.65
C ALA B 230 -20.40 15.04 -6.66
N ALA B 231 -21.39 15.82 -6.29
CA ALA B 231 -22.59 16.07 -7.14
C ALA B 231 -22.39 16.90 -8.39
N MET B 232 -21.22 17.51 -8.50
CA MET B 232 -20.90 18.25 -9.71
C MET B 232 -20.62 17.36 -10.88
N PHE B 233 -20.40 16.09 -10.58
CA PHE B 233 -19.80 15.24 -11.55
C PHE B 233 -20.67 14.08 -11.87
N ALA B 234 -21.04 13.33 -10.85
CA ALA B 234 -21.74 12.06 -11.07
C ALA B 234 -23.13 12.17 -11.71
N PRO B 235 -23.96 13.09 -11.23
CA PRO B 235 -25.22 13.24 -11.87
C PRO B 235 -25.10 13.52 -13.38
N GLN B 236 -24.10 14.28 -13.80
CA GLN B 236 -23.93 14.62 -15.23
C GLN B 236 -23.69 13.40 -16.03
N VAL B 237 -22.72 12.64 -15.59
CA VAL B 237 -22.39 11.40 -16.24
C VAL B 237 -23.57 10.42 -16.25
N ALA B 238 -24.28 10.35 -15.14
CA ALA B 238 -25.38 9.40 -15.00
C ALA B 238 -26.49 9.77 -15.94
N SER B 239 -26.77 11.04 -16.04
CA SER B 239 -27.82 11.46 -16.92
C SER B 239 -27.51 11.09 -18.38
N ARG B 240 -26.24 10.99 -18.80
CA ARG B 240 -25.84 10.51 -20.15
CA ARG B 240 -25.90 10.56 -20.18
C ARG B 240 -26.07 9.03 -20.26
N GLY B 241 -26.54 8.40 -19.19
CA GLY B 241 -26.76 6.92 -19.20
C GLY B 241 -25.54 6.03 -18.86
N VAL B 242 -24.47 6.67 -18.47
CA VAL B 242 -23.28 5.98 -18.05
C VAL B 242 -23.59 5.43 -16.67
N PRO B 243 -23.23 4.15 -16.43
CA PRO B 243 -23.50 3.62 -15.09
C PRO B 243 -22.58 4.21 -14.02
N VAL B 244 -23.09 4.25 -12.78
CA VAL B 244 -22.42 4.86 -11.65
C VAL B 244 -22.52 3.98 -10.40
N ALA B 245 -21.38 3.76 -9.75
CA ALA B 245 -21.27 2.93 -8.55
C ALA B 245 -20.75 3.71 -7.36
N GLU B 246 -21.49 3.74 -6.25
CA GLU B 246 -20.99 4.39 -5.04
C GLU B 246 -20.30 3.33 -4.15
N PHE B 247 -19.24 3.69 -3.43
CA PHE B 247 -18.68 2.85 -2.36
C PHE B 247 -18.44 3.73 -1.16
N ASN B 248 -19.20 3.53 -0.10
CA ASN B 248 -19.03 4.35 1.07
C ASN B 248 -19.73 3.69 2.21
N MET B 249 -19.52 4.23 3.40
CA MET B 249 -20.09 3.57 4.55
C MET B 249 -20.68 4.60 5.47
N GLU B 250 -21.32 5.61 4.90
CA GLU B 250 -21.91 6.68 5.70
C GLU B 250 -23.42 6.48 5.69
N CYS B 251 -23.80 5.20 5.75
CA CYS B 251 -25.18 4.76 5.76
C CYS B 251 -26.06 5.69 4.90
N THR B 252 -25.74 5.74 3.61
CA THR B 252 -26.68 6.39 2.67
C THR B 252 -27.89 5.41 2.63
N PRO B 253 -29.11 5.85 3.09
CA PRO B 253 -30.26 4.92 3.21
C PRO B 253 -30.75 4.43 1.85
N ALA B 254 -31.25 3.18 1.78
CA ALA B 254 -31.76 2.60 0.51
C ALA B 254 -32.38 3.67 -0.46
N THR B 255 -33.12 4.64 0.10
CA THR B 255 -33.70 5.80 -0.63
C THR B 255 -32.75 7.00 -0.98
N GLN B 256 -31.62 6.75 -1.68
CA GLN B 256 -30.63 7.80 -2.15
C GLN B 256 -29.48 7.29 -3.06
N ARG B 257 -28.97 6.12 -2.67
CA ARG B 257 -28.07 5.22 -3.43
C ARG B 257 -28.27 5.27 -4.97
N PHE B 258 -27.19 5.33 -5.76
CA PHE B 258 -27.35 5.37 -7.23
C PHE B 258 -27.43 3.94 -7.81
N LYS B 259 -27.58 3.86 -9.13
CA LYS B 259 -27.50 2.57 -9.82
C LYS B 259 -27.01 1.36 -8.95
N TYR B 260 -25.69 1.35 -8.60
CA TYR B 260 -25.08 0.36 -7.68
C TYR B 260 -24.51 0.95 -6.41
N HIS B 261 -24.62 0.19 -5.33
CA HIS B 261 -24.13 0.61 -4.03
C HIS B 261 -23.50 -0.55 -3.32
N PHE B 262 -22.34 -0.28 -2.77
CA PHE B 262 -21.67 -1.20 -1.94
C PHE B 262 -21.35 -0.50 -0.66
N GLU B 263 -22.24 -0.70 0.32
CA GLU B 263 -22.05 -0.14 1.66
C GLU B 263 -20.84 -0.85 2.29
N GLY B 264 -20.04 -0.08 3.00
CA GLY B 264 -18.91 -0.60 3.71
C GLY B 264 -17.65 0.13 3.36
N PRO B 265 -16.60 -0.10 4.16
CA PRO B 265 -15.30 0.54 4.00
C PRO B 265 -14.72 0.25 2.64
N CYS B 266 -14.44 1.32 1.92
CA CYS B 266 -13.69 1.29 0.68
C CYS B 266 -12.55 0.32 0.69
N GLY B 267 -11.82 0.33 1.81
CA GLY B 267 -10.71 -0.58 2.05
C GLY B 267 -11.06 -1.98 1.67
N SER B 268 -12.25 -2.41 2.07
CA SER B 268 -12.76 -3.75 1.80
C SER B 268 -13.58 -3.83 0.52
N THR B 269 -14.51 -2.92 0.34
CA THR B 269 -15.49 -3.09 -0.75
C THR B 269 -14.81 -3.04 -2.10
N LEU B 270 -13.84 -2.16 -2.23
CA LEU B 270 -13.33 -1.79 -3.52
C LEU B 270 -12.35 -2.76 -4.19
N PRO B 271 -11.32 -3.23 -3.47
CA PRO B 271 -10.34 -4.09 -4.16
C PRO B 271 -10.89 -5.32 -4.92
N PRO B 272 -11.88 -6.04 -4.33
CA PRO B 272 -12.54 -7.17 -4.99
C PRO B 272 -13.19 -6.70 -6.23
N ALA B 273 -13.75 -5.51 -6.14
CA ALA B 273 -14.45 -4.90 -7.26
C ALA B 273 -13.57 -4.60 -8.46
N LEU B 274 -12.28 -4.34 -8.23
CA LEU B 274 -11.39 -3.93 -9.29
C LEU B 274 -10.39 -4.98 -9.82
N GLU B 275 -10.42 -6.18 -9.26
CA GLU B 275 -9.41 -7.18 -9.61
C GLU B 275 -9.39 -7.56 -11.10
N GLY C 2 23.02 -27.16 1.83
N GLY C 2 22.97 -27.17 2.17
CA GLY C 2 21.91 -26.15 1.75
CA GLY C 2 22.04 -26.02 1.99
C GLY C 2 21.05 -26.23 2.99
C GLY C 2 20.98 -26.14 3.05
N VAL C 3 20.59 -25.07 3.43
N VAL C 3 20.44 -24.98 3.40
CA VAL C 3 19.71 -24.97 4.58
CA VAL C 3 19.48 -24.89 4.49
C VAL C 3 18.31 -25.47 4.24
C VAL C 3 18.10 -25.38 4.09
N LEU C 4 17.74 -26.32 5.08
N LEU C 4 17.40 -26.03 5.00
CA LEU C 4 16.37 -26.78 4.84
CA LEU C 4 16.06 -26.51 4.73
C LEU C 4 15.34 -25.75 5.30
C LEU C 4 15.03 -25.46 5.15
N LYS C 5 14.37 -25.46 4.44
N LYS C 5 13.94 -25.35 4.42
CA LYS C 5 13.24 -24.64 4.83
CA LYS C 5 12.84 -24.55 4.90
C LYS C 5 12.79 -25.17 6.21
C LYS C 5 12.47 -25.14 6.29
N GLU C 6 12.39 -24.26 7.10
N GLU C 6 12.07 -24.29 7.23
CA GLU C 6 12.10 -24.56 8.53
CA GLU C 6 11.81 -24.68 8.64
C GLU C 6 12.98 -25.67 9.18
C GLU C 6 12.84 -25.64 9.31
N TYR C 7 14.18 -25.85 8.63
N TYR C 7 14.05 -25.68 8.76
CA TYR C 7 15.18 -26.85 9.09
CA TYR C 7 15.09 -26.67 9.13
C TYR C 7 14.75 -28.32 8.92
C TYR C 7 14.53 -28.08 9.04
N GLY C 8 13.57 -28.55 8.34
N GLY C 8 14.20 -28.56 7.85
CA GLY C 8 13.12 -29.91 8.09
CA GLY C 8 13.58 -29.86 7.73
C GLY C 8 12.27 -30.46 9.22
C GLY C 8 12.24 -29.93 8.42
N VAL C 9 11.95 -29.62 10.21
N VAL C 9 11.91 -28.92 9.23
CA VAL C 9 11.07 -30.03 11.33
CA VAL C 9 10.61 -28.91 9.93
C VAL C 9 9.73 -30.60 10.85
C VAL C 9 9.46 -28.94 8.94
#